data_4IBG
#
_entry.id   4IBG
#
_cell.length_a   51.474
_cell.length_b   65.937
_cell.length_c   72.480
_cell.angle_alpha   90.00
_cell.angle_beta   90.00
_cell.angle_gamma   90.00
#
_symmetry.space_group_name_H-M   'P 21 21 21'
#
loop_
_entity.id
_entity.type
_entity.pdbx_description
1 polymer 'Polymerase cofactor VP35'
2 non-polymer '{4-[(2S)-2-(7-chloro-1,3-benzodioxol-5-yl)-4-hydroxy-3-(3-methylbenzoyl)-5-oxo-2,5-dihydro-1H-pyrrol-1-yl]phenyl}acetic acid'
3 non-polymer 'SULFATE ION'
4 non-polymer GLYCEROL
5 non-polymer 'PHOSPHATE ION'
6 water water
#
_entity_poly.entity_id   1
_entity_poly.type   'polypeptide(L)'
_entity_poly.pdbx_seq_one_letter_code
;GHMGKPDISAKDLRNIMYDHLPGFGTAFHQLVQVICKLGKDSNSLDIIHAEFQASLAEGDSPQCALIQITKRVPIFQDAA
PPVIHIRSRGDIPRACQKSLRPVPPSPKIDRGWVCVFQLQDGKTLGLKI
;
_entity_poly.pdbx_strand_id   A,B
#
loop_
_chem_comp.id
_chem_comp.type
_chem_comp.name
_chem_comp.formula
1D6 non-polymer '{4-[(2S)-2-(7-chloro-1,3-benzodioxol-5-yl)-4-hydroxy-3-(3-methylbenzoyl)-5-oxo-2,5-dihydro-1H-pyrrol-1-yl]phenyl}acetic acid' 'C27 H20 Cl N O7'
GOL non-polymer GLYCEROL 'C3 H8 O3'
PO4 non-polymer 'PHOSPHATE ION' 'O4 P -3'
SO4 non-polymer 'SULFATE ION' 'O4 S -2'
#
# COMPACT_ATOMS: atom_id res chain seq x y z
N ASP A 7 -29.26 9.15 5.31
CA ASP A 7 -27.85 8.86 5.49
C ASP A 7 -27.00 9.37 4.33
N ILE A 8 -25.89 10.03 4.67
CA ILE A 8 -24.97 10.58 3.69
C ILE A 8 -24.14 9.47 3.04
N SER A 9 -23.98 9.54 1.73
CA SER A 9 -23.16 8.56 1.01
C SER A 9 -21.78 9.12 0.75
N ALA A 10 -20.85 8.25 0.37
CA ALA A 10 -19.51 8.70 0.06
C ALA A 10 -19.53 9.70 -1.09
N LYS A 11 -20.37 9.44 -2.08
CA LYS A 11 -20.52 10.35 -3.21
C LYS A 11 -21.08 11.70 -2.77
N ASP A 12 -22.10 11.69 -1.91
CA ASP A 12 -22.66 12.93 -1.36
C ASP A 12 -21.58 13.74 -0.68
N LEU A 13 -20.76 13.09 0.15
CA LEU A 13 -19.75 13.80 0.92
C LEU A 13 -18.70 14.39 -0.01
N ARG A 14 -18.34 13.62 -1.04
CA ARG A 14 -17.41 14.14 -2.05
C ARG A 14 -17.97 15.42 -2.69
N ASN A 15 -19.24 15.36 -3.09
CA ASN A 15 -19.88 16.51 -3.72
C ASN A 15 -19.94 17.73 -2.80
N ILE A 16 -20.27 17.49 -1.53
CA ILE A 16 -20.32 18.56 -0.55
C ILE A 16 -18.94 19.22 -0.39
N MET A 17 -17.91 18.40 -0.25
CA MET A 17 -16.57 18.94 -0.09
C MET A 17 -16.07 19.62 -1.35
N TYR A 18 -16.29 19.02 -2.52
CA TYR A 18 -15.88 19.63 -3.77
C TYR A 18 -16.52 21.01 -3.95
N ASP A 19 -17.76 21.15 -3.45
CA ASP A 19 -18.50 22.39 -3.63
C ASP A 19 -17.78 23.58 -3.00
N HIS A 20 -16.93 23.30 -2.02
CA HIS A 20 -16.22 24.36 -1.30
C HIS A 20 -14.81 24.62 -1.80
N LEU A 21 -14.30 23.76 -2.68
CA LEU A 21 -12.90 23.87 -3.10
C LEU A 21 -12.74 24.66 -4.39
N PRO A 22 -11.70 25.51 -4.46
CA PRO A 22 -11.42 26.20 -5.71
C PRO A 22 -10.63 25.29 -6.63
N GLY A 23 -10.63 25.62 -7.92
CA GLY A 23 -9.90 24.84 -8.90
C GLY A 23 -10.51 23.48 -9.11
N PHE A 24 -9.77 22.60 -9.77
CA PHE A 24 -10.27 21.25 -9.99
C PHE A 24 -9.12 20.31 -10.25
N GLY A 25 -9.29 19.08 -9.77
CA GLY A 25 -8.22 18.08 -9.84
C GLY A 25 -7.00 18.45 -9.05
N THR A 26 -7.17 19.23 -7.98
CA THR A 26 -6.06 19.64 -7.13
C THR A 26 -5.77 18.57 -6.08
N ALA A 27 -4.66 18.74 -5.36
CA ALA A 27 -4.33 17.79 -4.28
C ALA A 27 -5.43 17.73 -3.22
N PHE A 28 -6.13 18.83 -3.02
CA PHE A 28 -7.23 18.82 -2.06
C PHE A 28 -8.41 18.01 -2.54
N HIS A 29 -8.66 18.01 -3.85
CA HIS A 29 -9.71 17.16 -4.42
C HIS A 29 -9.35 15.68 -4.18
N GLN A 30 -8.06 15.36 -4.35
CA GLN A 30 -7.61 13.99 -4.06
C GLN A 30 -7.73 13.67 -2.58
N LEU A 31 -7.46 14.64 -1.72
CA LEU A 31 -7.62 14.42 -0.30
C LEU A 31 -9.08 14.13 0.04
N VAL A 32 -10.02 14.81 -0.60
CA VAL A 32 -11.44 14.49 -0.47
C VAL A 32 -11.70 13.03 -0.83
N GLN A 33 -11.16 12.58 -1.96
CA GLN A 33 -11.34 11.18 -2.38
C GLN A 33 -10.85 10.20 -1.31
N VAL A 34 -9.68 10.48 -0.75
CA VAL A 34 -9.10 9.63 0.28
C VAL A 34 -9.94 9.62 1.56
N ILE A 35 -10.36 10.80 1.98
CA ILE A 35 -11.20 10.94 3.16
C ILE A 35 -12.51 10.19 2.97
N CYS A 36 -13.09 10.30 1.79
CA CYS A 36 -14.34 9.59 1.52
C CYS A 36 -14.18 8.07 1.47
N LYS A 37 -13.12 7.59 0.81
CA LYS A 37 -12.88 6.16 0.70
C LYS A 37 -12.62 5.55 2.08
N LEU A 38 -11.67 6.14 2.80
CA LEU A 38 -11.32 5.62 4.12
C LEU A 38 -12.49 5.81 5.08
N GLY A 39 -13.21 6.91 4.93
CA GLY A 39 -14.38 7.18 5.74
C GLY A 39 -15.45 6.12 5.51
N LYS A 40 -15.72 5.79 4.26
CA LYS A 40 -16.70 4.77 3.99
C LYS A 40 -16.31 3.42 4.59
N ASP A 41 -15.03 3.08 4.42
CA ASP A 41 -14.52 1.78 4.84
C ASP A 41 -14.52 1.63 6.37
N SER A 42 -14.62 2.75 7.08
CA SER A 42 -14.64 2.75 8.54
CA SER A 42 -14.64 2.74 8.55
C SER A 42 -15.97 3.27 9.09
N ASN A 43 -16.99 3.28 8.24
CA ASN A 43 -18.34 3.71 8.63
C ASN A 43 -18.35 5.05 9.35
N SER A 44 -17.52 5.97 8.88
CA SER A 44 -17.27 7.23 9.57
C SER A 44 -17.65 8.47 8.78
N LEU A 45 -18.45 8.30 7.74
CA LEU A 45 -18.80 9.43 6.89
C LEU A 45 -19.57 10.51 7.66
N ASP A 46 -20.40 10.10 8.61
CA ASP A 46 -21.17 11.08 9.37
C ASP A 46 -20.28 11.96 10.25
N ILE A 47 -19.39 11.35 11.01
CA ILE A 47 -18.53 12.16 11.89
C ILE A 47 -17.63 13.05 11.04
N ILE A 48 -17.15 12.53 9.91
CA ILE A 48 -16.30 13.32 9.03
C ILE A 48 -17.06 14.52 8.49
N HIS A 49 -18.29 14.31 8.04
CA HIS A 49 -19.11 15.42 7.57
C HIS A 49 -19.33 16.46 8.68
N ALA A 50 -19.60 16.00 9.90
CA ALA A 50 -19.83 16.89 11.04
C ALA A 50 -18.57 17.72 11.34
N GLU A 51 -17.41 17.08 11.27
CA GLU A 51 -16.16 17.80 11.52
C GLU A 51 -15.93 18.83 10.44
N PHE A 52 -16.19 18.47 9.20
CA PHE A 52 -16.00 19.40 8.09
C PHE A 52 -16.88 20.63 8.26
N GLN A 53 -18.16 20.40 8.52
CA GLN A 53 -19.09 21.51 8.70
C GLN A 53 -18.75 22.36 9.92
N ALA A 54 -18.31 21.73 11.00
CA ALA A 54 -17.97 22.48 12.20
C ALA A 54 -16.78 23.41 11.95
N SER A 55 -15.76 22.90 11.25
CA SER A 55 -14.60 23.71 10.90
CA SER A 55 -14.60 23.72 10.91
C SER A 55 -15.01 24.91 10.04
N LEU A 56 -15.84 24.67 9.04
CA LEU A 56 -16.32 25.77 8.20
C LEU A 56 -17.09 26.79 9.03
N ALA A 57 -17.94 26.29 9.94
CA ALA A 57 -18.73 27.18 10.80
C ALA A 57 -17.89 28.05 11.72
N GLU A 58 -16.67 27.61 12.03
CA GLU A 58 -15.78 28.42 12.85
C GLU A 58 -15.01 29.45 12.03
N GLY A 59 -15.11 29.35 10.71
CA GLY A 59 -14.46 30.31 9.85
C GLY A 59 -13.21 29.79 9.17
N ASP A 60 -12.94 28.50 9.31
CA ASP A 60 -11.77 27.91 8.65
C ASP A 60 -11.95 27.85 7.13
N SER A 61 -10.84 27.97 6.41
CA SER A 61 -10.86 27.66 4.99
C SER A 61 -11.25 26.20 4.77
N PRO A 62 -11.85 25.89 3.61
CA PRO A 62 -12.18 24.48 3.37
C PRO A 62 -10.95 23.58 3.32
N GLN A 63 -9.82 24.12 2.85
CA GLN A 63 -8.55 23.41 2.85
C GLN A 63 -8.13 23.08 4.29
N CYS A 64 -8.19 24.05 5.17
CA CYS A 64 -7.89 23.84 6.58
CA CYS A 64 -7.86 23.79 6.57
C CYS A 64 -8.84 22.82 7.22
N ALA A 65 -10.12 22.90 6.83
CA ALA A 65 -11.11 21.97 7.34
C ALA A 65 -10.76 20.52 6.98
N LEU A 66 -10.29 20.31 5.75
CA LEU A 66 -9.91 18.98 5.32
C LEU A 66 -8.67 18.49 6.09
N ILE A 67 -7.69 19.37 6.26
CA ILE A 67 -6.49 19.00 7.03
C ILE A 67 -6.83 18.71 8.50
N GLN A 68 -7.75 19.49 9.07
CA GLN A 68 -8.15 19.27 10.46
C GLN A 68 -8.81 17.91 10.62
N ILE A 69 -9.54 17.46 9.61
CA ILE A 69 -10.12 16.11 9.64
C ILE A 69 -9.02 15.07 9.77
N THR A 70 -7.95 15.23 8.99
CA THR A 70 -6.83 14.29 9.10
C THR A 70 -6.13 14.30 10.44
N LYS A 71 -6.21 15.41 11.17
CA LYS A 71 -5.51 15.50 12.45
C LYS A 71 -6.40 15.18 13.64
N ARG A 72 -7.72 15.26 13.44
CA ARG A 72 -8.70 15.11 14.52
C ARG A 72 -9.52 13.82 14.51
N VAL A 73 -9.81 13.29 13.33
CA VAL A 73 -10.63 12.08 13.23
C VAL A 73 -9.70 10.87 13.32
N PRO A 74 -9.91 10.03 14.33
CA PRO A 74 -8.93 8.99 14.70
C PRO A 74 -8.49 8.03 13.58
N ILE A 75 -9.32 7.76 12.57
CA ILE A 75 -8.92 6.85 11.51
C ILE A 75 -7.76 7.37 10.65
N PHE A 76 -7.50 8.68 10.72
CA PHE A 76 -6.43 9.29 9.95
C PHE A 76 -5.17 9.54 10.78
N GLN A 77 -5.31 9.46 12.10
CA GLN A 77 -4.21 9.79 13.00
C GLN A 77 -3.15 8.70 12.96
N ASP A 78 -1.91 9.11 12.69
CA ASP A 78 -0.79 8.18 12.53
C ASP A 78 -1.03 7.11 11.45
N ALA A 79 -1.92 7.40 10.50
CA ALA A 79 -2.29 6.45 9.44
C ALA A 79 -1.38 6.55 8.23
N ALA A 80 -1.04 5.41 7.64
CA ALA A 80 -0.29 5.39 6.40
C ALA A 80 -1.26 5.78 5.29
N PRO A 81 -0.75 6.41 4.22
CA PRO A 81 -1.64 6.80 3.11
C PRO A 81 -2.03 5.56 2.33
N PRO A 82 -3.23 5.58 1.73
CA PRO A 82 -3.66 4.45 0.91
C PRO A 82 -2.85 4.40 -0.38
N VAL A 83 -2.65 3.17 -0.86
CA VAL A 83 -1.99 2.95 -2.14
C VAL A 83 -3.07 2.88 -3.21
N ILE A 84 -2.86 3.63 -4.30
CA ILE A 84 -3.78 3.64 -5.43
C ILE A 84 -3.02 3.22 -6.67
N HIS A 85 -3.45 2.13 -7.28
CA HIS A 85 -2.78 1.61 -8.48
C HIS A 85 -3.33 2.27 -9.73
N ILE A 86 -2.42 2.82 -10.53
CA ILE A 86 -2.75 3.52 -11.77
C ILE A 86 -1.77 3.09 -12.85
N ARG A 87 -2.00 3.48 -14.09
CA ARG A 87 -1.08 3.06 -15.14
C ARG A 87 0.12 3.98 -15.24
N SER A 88 -0.15 5.28 -15.34
CA SER A 88 0.92 6.25 -15.58
C SER A 88 0.61 7.58 -14.91
N ARG A 89 1.58 8.49 -14.96
CA ARG A 89 1.41 9.84 -14.42
C ARG A 89 0.28 10.56 -15.14
N GLY A 90 0.01 10.15 -16.38
CA GLY A 90 -1.09 10.72 -17.16
C GLY A 90 -2.47 10.49 -16.58
N ASP A 91 -2.60 9.54 -15.66
CA ASP A 91 -3.89 9.28 -15.00
C ASP A 91 -4.18 10.27 -13.88
N ILE A 92 -3.18 11.07 -13.53
CA ILE A 92 -3.27 12.03 -12.43
C ILE A 92 -3.54 13.42 -13.02
N PRO A 93 -4.56 14.13 -12.52
CA PRO A 93 -4.91 15.45 -13.06
C PRO A 93 -3.75 16.44 -13.06
N ARG A 94 -3.77 17.38 -14.01
CA ARG A 94 -2.67 18.33 -14.16
C ARG A 94 -2.40 19.08 -12.87
N ALA A 95 -3.45 19.46 -12.13
CA ALA A 95 -3.28 20.28 -10.94
C ALA A 95 -2.68 19.54 -9.76
N CYS A 96 -2.54 18.22 -9.87
CA CYS A 96 -1.83 17.44 -8.86
C CYS A 96 -0.36 17.19 -9.18
N GLN A 97 0.03 17.41 -10.44
CA GLN A 97 1.35 16.97 -10.90
C GLN A 97 2.52 17.52 -10.07
N LYS A 98 2.48 18.81 -9.73
CA LYS A 98 3.59 19.40 -8.99
C LYS A 98 3.59 19.01 -7.53
N SER A 99 2.54 18.34 -7.06
CA SER A 99 2.43 17.88 -5.68
C SER A 99 2.93 16.44 -5.52
N LEU A 100 3.35 15.81 -6.62
CA LEU A 100 3.85 14.45 -6.59
C LEU A 100 5.33 14.42 -6.18
N ARG A 101 5.67 13.54 -5.24
CA ARG A 101 7.01 13.47 -4.68
C ARG A 101 7.50 12.04 -4.52
N PRO A 102 8.82 11.85 -4.45
CA PRO A 102 9.32 10.54 -4.03
C PRO A 102 8.76 10.20 -2.67
N VAL A 103 8.47 8.92 -2.44
CA VAL A 103 7.86 8.50 -1.19
C VAL A 103 8.91 8.35 -0.10
N PRO A 104 8.72 9.04 1.04
CA PRO A 104 9.65 8.98 2.17
C PRO A 104 9.44 7.70 2.97
N PRO A 105 10.39 7.42 3.87
N PRO A 105 10.26 7.35 3.97
CA PRO A 105 10.13 6.53 4.98
CA PRO A 105 10.10 6.03 4.66
C PRO A 105 8.97 7.10 5.77
C PRO A 105 8.71 5.63 5.28
N SER A 106 8.33 6.19 6.43
CA SER A 106 6.96 6.25 6.97
C SER A 106 6.13 7.50 6.67
N PRO A 107 5.55 7.60 5.47
CA PRO A 107 4.63 8.71 5.20
C PRO A 107 3.35 8.56 6.02
N LYS A 108 2.78 9.69 6.44
CA LYS A 108 1.58 9.69 7.26
C LYS A 108 0.56 10.69 6.71
N ILE A 109 -0.72 10.28 6.66
CA ILE A 109 -1.79 11.15 6.18
C ILE A 109 -1.85 12.47 6.96
N ASP A 110 -1.72 12.39 8.29
CA ASP A 110 -1.79 13.59 9.14
C ASP A 110 -0.52 14.43 9.10
N ARG A 111 0.41 14.07 8.23
CA ARG A 111 1.59 14.89 7.98
C ARG A 111 1.59 15.34 6.52
N GLY A 112 0.48 15.12 5.84
CA GLY A 112 0.28 15.74 4.54
C GLY A 112 0.43 14.78 3.36
N TRP A 113 0.70 13.52 3.65
CA TRP A 113 0.84 12.53 2.58
C TRP A 113 -0.52 11.90 2.30
N VAL A 114 -1.15 12.42 1.25
CA VAL A 114 -2.54 12.11 0.94
C VAL A 114 -2.73 10.66 0.49
N CYS A 115 -1.87 10.24 -0.43
CA CYS A 115 -1.93 8.89 -0.97
C CYS A 115 -0.62 8.57 -1.65
N VAL A 116 -0.44 7.29 -1.95
CA VAL A 116 0.69 6.81 -2.72
C VAL A 116 0.16 6.21 -4.02
N PHE A 117 0.60 6.75 -5.15
CA PHE A 117 0.25 6.18 -6.44
C PHE A 117 1.32 5.19 -6.85
N GLN A 118 0.89 4.00 -7.24
CA GLN A 118 1.79 2.97 -7.76
C GLN A 118 1.51 2.82 -9.23
N LEU A 119 2.53 3.10 -10.04
CA LEU A 119 2.39 3.09 -11.49
C LEU A 119 2.66 1.69 -12.02
N GLN A 120 2.20 1.42 -13.24
CA GLN A 120 2.28 0.06 -13.76
C GLN A 120 3.70 -0.48 -13.93
N ASP A 121 4.66 0.41 -14.12
CA ASP A 121 6.05 -0.03 -14.30
C ASP A 121 6.78 -0.13 -12.96
N GLY A 122 6.04 0.06 -11.87
CA GLY A 122 6.62 -0.06 -10.54
C GLY A 122 7.01 1.26 -9.91
N LYS A 123 7.00 2.34 -10.68
CA LYS A 123 7.25 3.67 -10.12
C LYS A 123 6.24 3.98 -9.02
N THR A 124 6.67 4.75 -8.02
CA THR A 124 5.81 5.04 -6.89
C THR A 124 5.96 6.51 -6.56
N LEU A 125 4.85 7.22 -6.45
CA LEU A 125 4.87 8.64 -6.11
C LEU A 125 3.88 8.93 -5.00
N GLY A 126 4.28 9.76 -4.05
CA GLY A 126 3.39 10.22 -3.00
C GLY A 126 2.82 11.59 -3.36
N LEU A 127 1.57 11.82 -2.99
CA LEU A 127 0.96 13.12 -3.19
C LEU A 127 1.01 13.87 -1.87
N LYS A 128 1.69 15.01 -1.91
CA LYS A 128 1.99 15.78 -0.69
C LYS A 128 1.23 17.10 -0.67
N ILE A 129 0.64 17.41 0.48
CA ILE A 129 0.14 18.76 0.78
C ILE A 129 0.95 19.33 1.93
N ASP B 7 21.16 -11.43 -18.48
CA ASP B 7 20.92 -11.42 -17.04
C ASP B 7 19.57 -12.03 -16.67
N ILE B 8 19.51 -12.59 -15.46
CA ILE B 8 18.30 -13.26 -14.97
C ILE B 8 17.12 -12.29 -14.89
N SER B 9 15.97 -12.74 -15.37
CA SER B 9 14.75 -11.94 -15.31
C SER B 9 13.97 -12.29 -14.05
N ALA B 10 13.01 -11.44 -13.70
CA ALA B 10 12.14 -11.69 -12.57
C ALA B 10 11.35 -13.00 -12.77
N LYS B 11 10.92 -13.27 -13.99
CA LYS B 11 10.22 -14.52 -14.29
C LYS B 11 11.13 -15.74 -14.13
N ASP B 12 12.38 -15.62 -14.59
CA ASP B 12 13.37 -16.69 -14.41
C ASP B 12 13.55 -17.01 -12.94
N LEU B 13 13.72 -15.97 -12.14
CA LEU B 13 13.94 -16.16 -10.71
C LEU B 13 12.72 -16.79 -10.04
N ARG B 14 11.53 -16.34 -10.42
CA ARG B 14 10.31 -16.91 -9.88
C ARG B 14 10.23 -18.41 -10.19
N ASN B 15 10.53 -18.77 -11.44
CA ASN B 15 10.53 -20.18 -11.83
C ASN B 15 11.55 -21.00 -11.04
N ILE B 16 12.77 -20.47 -10.90
CA ILE B 16 13.80 -21.13 -10.11
C ILE B 16 13.32 -21.39 -8.68
N MET B 17 12.75 -20.37 -8.05
CA MET B 17 12.29 -20.52 -6.68
C MET B 17 11.10 -21.47 -6.58
N TYR B 18 10.15 -21.38 -7.51
CA TYR B 18 9.00 -22.29 -7.53
C TYR B 18 9.49 -23.74 -7.63
N ASP B 19 10.59 -23.97 -8.34
CA ASP B 19 11.07 -25.33 -8.57
C ASP B 19 11.52 -25.99 -7.26
N HIS B 20 11.84 -25.18 -6.25
CA HIS B 20 12.27 -25.69 -4.96
C HIS B 20 11.16 -25.86 -3.92
N LEU B 21 9.98 -25.30 -4.20
CA LEU B 21 8.91 -25.29 -3.20
C LEU B 21 7.96 -26.45 -3.38
N PRO B 22 7.56 -27.10 -2.27
CA PRO B 22 6.54 -28.14 -2.36
C PRO B 22 5.16 -27.53 -2.48
N GLY B 23 4.24 -28.27 -3.12
CA GLY B 23 2.89 -27.81 -3.29
C GLY B 23 2.76 -26.68 -4.29
N PHE B 24 1.63 -25.98 -4.22
CA PHE B 24 1.36 -24.90 -5.16
C PHE B 24 0.39 -23.91 -4.55
N GLY B 25 0.57 -22.63 -4.88
CA GLY B 25 -0.31 -21.58 -4.41
C GLY B 25 -0.21 -21.37 -2.90
N THR B 26 0.93 -21.73 -2.31
CA THR B 26 1.13 -21.56 -0.87
C THR B 26 1.58 -20.14 -0.54
N ALA B 27 1.59 -19.82 0.75
CA ALA B 27 2.08 -18.51 1.15
C ALA B 27 3.53 -18.28 0.69
N PHE B 28 4.34 -19.34 0.60
CA PHE B 28 5.70 -19.19 0.12
C PHE B 28 5.77 -18.88 -1.36
N HIS B 29 4.83 -19.41 -2.14
CA HIS B 29 4.75 -19.07 -3.55
C HIS B 29 4.43 -17.58 -3.70
N GLN B 30 3.54 -17.08 -2.85
CA GLN B 30 3.25 -15.65 -2.86
C GLN B 30 4.45 -14.82 -2.42
N LEU B 31 5.23 -15.32 -1.45
CA LEU B 31 6.44 -14.62 -1.04
C LEU B 31 7.44 -14.55 -2.18
N VAL B 32 7.55 -15.61 -2.98
CA VAL B 32 8.37 -15.55 -4.19
C VAL B 32 7.92 -14.41 -5.12
N GLN B 33 6.61 -14.31 -5.36
N GLN B 33 6.62 -14.31 -5.36
CA GLN B 33 6.08 -13.23 -6.20
CA GLN B 33 6.09 -13.24 -6.20
C GLN B 33 6.49 -11.85 -5.69
C GLN B 33 6.49 -11.87 -5.69
N VAL B 34 6.37 -11.65 -4.39
CA VAL B 34 6.71 -10.38 -3.77
C VAL B 34 8.21 -10.08 -3.86
N ILE B 35 9.03 -11.08 -3.55
CA ILE B 35 10.47 -10.94 -3.65
C ILE B 35 10.89 -10.58 -5.06
N CYS B 36 10.31 -11.24 -6.06
CA CYS B 36 10.71 -11.00 -7.43
C CYS B 36 10.23 -9.64 -7.96
N LYS B 37 9.01 -9.25 -7.58
CA LYS B 37 8.48 -7.96 -7.99
C LYS B 37 9.29 -6.81 -7.37
N LEU B 38 9.47 -6.86 -6.05
CA LEU B 38 10.23 -5.82 -5.38
C LEU B 38 11.69 -5.86 -5.80
N GLY B 39 12.23 -7.05 -5.99
CA GLY B 39 13.58 -7.21 -6.50
C GLY B 39 13.75 -6.60 -7.88
N LYS B 40 12.79 -6.80 -8.77
CA LYS B 40 12.88 -6.21 -10.10
C LYS B 40 12.86 -4.68 -10.00
N ASP B 41 11.95 -4.15 -9.20
CA ASP B 41 11.76 -2.71 -9.08
C ASP B 41 12.96 -2.00 -8.47
N SER B 42 13.78 -2.75 -7.75
CA SER B 42 14.98 -2.20 -7.11
CA SER B 42 14.97 -2.21 -7.10
C SER B 42 16.27 -2.76 -7.72
N ASN B 43 16.17 -3.33 -8.92
CA ASN B 43 17.35 -3.82 -9.65
CA ASN B 43 17.32 -3.81 -9.67
C ASN B 43 18.20 -4.74 -8.80
N SER B 44 17.55 -5.55 -7.98
CA SER B 44 18.24 -6.35 -6.98
C SER B 44 18.10 -7.86 -7.18
N LEU B 45 17.70 -8.27 -8.39
CA LEU B 45 17.48 -9.69 -8.65
C LEU B 45 18.75 -10.53 -8.49
N ASP B 46 19.90 -9.94 -8.83
CA ASP B 46 21.14 -10.69 -8.72
C ASP B 46 21.47 -11.06 -7.28
N ILE B 47 21.46 -10.07 -6.37
CA ILE B 47 21.80 -10.37 -4.99
C ILE B 47 20.74 -11.29 -4.36
N ILE B 48 19.48 -11.12 -4.76
CA ILE B 48 18.43 -11.99 -4.24
C ILE B 48 18.71 -13.44 -4.64
N HIS B 49 19.03 -13.65 -5.91
CA HIS B 49 19.37 -15.00 -6.37
C HIS B 49 20.58 -15.55 -5.62
N ALA B 50 21.61 -14.73 -5.44
CA ALA B 50 22.81 -15.16 -4.75
C ALA B 50 22.53 -15.57 -3.32
N GLU B 51 21.71 -14.77 -2.61
CA GLU B 51 21.35 -15.10 -1.24
C GLU B 51 20.55 -16.39 -1.18
N PHE B 52 19.63 -16.57 -2.13
CA PHE B 52 18.83 -17.80 -2.18
C PHE B 52 19.74 -19.03 -2.34
N GLN B 53 20.63 -18.98 -3.31
CA GLN B 53 21.54 -20.08 -3.55
C GLN B 53 22.49 -20.32 -2.37
N ALA B 54 22.96 -19.24 -1.75
CA ALA B 54 23.89 -19.40 -0.61
C ALA B 54 23.20 -20.08 0.56
N SER B 55 21.96 -19.71 0.81
CA SER B 55 21.20 -20.32 1.90
CA SER B 55 21.19 -20.31 1.90
C SER B 55 20.97 -21.80 1.64
N LEU B 56 20.56 -22.13 0.42
CA LEU B 56 20.42 -23.54 0.09
C LEU B 56 21.74 -24.28 0.26
N ALA B 57 22.84 -23.65 -0.14
CA ALA B 57 24.17 -24.27 -0.06
C ALA B 57 24.62 -24.55 1.38
N GLU B 58 24.10 -23.78 2.33
CA GLU B 58 24.39 -24.03 3.74
C GLU B 58 23.50 -25.10 4.33
N GLY B 59 22.48 -25.52 3.59
CA GLY B 59 21.62 -26.62 4.03
C GLY B 59 20.26 -26.17 4.51
N ASP B 60 19.93 -24.90 4.29
CA ASP B 60 18.61 -24.40 4.69
C ASP B 60 17.50 -24.94 3.79
N SER B 61 16.31 -25.09 4.36
CA SER B 61 15.13 -25.37 3.55
C SER B 61 14.89 -24.21 2.60
N PRO B 62 14.24 -24.49 1.46
CA PRO B 62 13.94 -23.39 0.53
C PRO B 62 13.02 -22.34 1.17
N GLN B 63 12.15 -22.78 2.06
CA GLN B 63 11.28 -21.87 2.82
C GLN B 63 12.12 -20.92 3.66
N CYS B 64 13.06 -21.48 4.42
CA CYS B 64 13.98 -20.69 5.23
CA CYS B 64 13.94 -20.64 5.23
C CYS B 64 14.82 -19.76 4.36
N ALA B 65 15.23 -20.26 3.19
CA ALA B 65 16.04 -19.43 2.28
C ALA B 65 15.26 -18.18 1.85
N LEU B 66 13.97 -18.33 1.62
CA LEU B 66 13.14 -17.18 1.24
C LEU B 66 13.02 -16.18 2.39
N ILE B 67 12.80 -16.69 3.60
CA ILE B 67 12.75 -15.84 4.78
C ILE B 67 14.10 -15.15 4.99
N GLN B 68 15.20 -15.87 4.77
CA GLN B 68 16.54 -15.30 4.90
CA GLN B 68 16.50 -15.25 4.96
C GLN B 68 16.73 -14.11 3.96
N ILE B 69 16.17 -14.22 2.76
CA ILE B 69 16.23 -13.12 1.81
C ILE B 69 15.58 -11.86 2.38
N THR B 70 14.42 -12.03 3.02
CA THR B 70 13.73 -10.90 3.64
C THR B 70 14.52 -10.27 4.79
N LYS B 71 15.38 -11.07 5.42
CA LYS B 71 16.17 -10.57 6.52
C LYS B 71 17.56 -10.04 6.12
N ARG B 72 18.04 -10.44 4.94
CA ARG B 72 19.42 -10.16 4.55
C ARG B 72 19.58 -9.18 3.39
N VAL B 73 18.55 -9.04 2.57
CA VAL B 73 18.62 -8.14 1.42
C VAL B 73 17.96 -6.83 1.84
N PRO B 74 18.70 -5.71 1.78
CA PRO B 74 18.26 -4.47 2.43
C PRO B 74 16.93 -3.88 1.95
N ILE B 75 16.48 -4.19 0.73
CA ILE B 75 15.20 -3.68 0.28
C ILE B 75 13.99 -4.23 1.07
N PHE B 76 14.19 -5.34 1.79
CA PHE B 76 13.11 -5.94 2.57
C PHE B 76 13.20 -5.61 4.06
N GLN B 77 14.35 -5.10 4.50
CA GLN B 77 14.60 -4.85 5.92
C GLN B 77 13.78 -3.67 6.41
N ASP B 78 12.93 -3.91 7.41
CA ASP B 78 12.02 -2.90 7.95
C ASP B 78 11.08 -2.31 6.88
N ALA B 79 10.82 -3.09 5.83
CA ALA B 79 9.97 -2.66 4.74
C ALA B 79 8.51 -3.00 4.99
N ALA B 80 7.62 -2.06 4.70
CA ALA B 80 6.20 -2.34 4.68
C ALA B 80 5.91 -3.31 3.54
N PRO B 81 4.88 -4.15 3.72
CA PRO B 81 4.54 -5.09 2.65
C PRO B 81 3.87 -4.36 1.49
N PRO B 82 4.04 -4.87 0.27
CA PRO B 82 3.36 -4.24 -0.86
C PRO B 82 1.86 -4.46 -0.80
N VAL B 83 1.11 -3.47 -1.27
CA VAL B 83 -0.32 -3.58 -1.40
C VAL B 83 -0.65 -4.12 -2.79
N ILE B 84 -1.47 -5.15 -2.81
CA ILE B 84 -1.91 -5.82 -4.04
C ILE B 84 -3.42 -5.72 -4.09
N HIS B 85 -3.94 -5.06 -5.12
CA HIS B 85 -5.40 -4.88 -5.26
C HIS B 85 -6.01 -6.08 -5.96
N ILE B 86 -7.03 -6.64 -5.33
CA ILE B 86 -7.76 -7.80 -5.85
C ILE B 86 -9.26 -7.59 -5.67
N ARG B 87 -10.08 -8.49 -6.21
CA ARG B 87 -11.52 -8.32 -6.10
C ARG B 87 -12.04 -8.80 -4.75
N SER B 88 -11.72 -10.04 -4.41
CA SER B 88 -12.20 -10.66 -3.18
C SER B 88 -11.25 -11.77 -2.80
N ARG B 89 -11.54 -12.47 -1.70
CA ARG B 89 -10.73 -13.62 -1.29
C ARG B 89 -10.67 -14.70 -2.36
N GLY B 90 -11.66 -14.72 -3.25
CA GLY B 90 -11.68 -15.70 -4.32
C GLY B 90 -10.52 -15.59 -5.29
N ASP B 91 -9.81 -14.45 -5.27
CA ASP B 91 -8.64 -14.24 -6.14
C ASP B 91 -7.34 -14.77 -5.52
N ILE B 92 -7.43 -15.28 -4.30
CA ILE B 92 -6.27 -15.80 -3.58
C ILE B 92 -6.33 -17.32 -3.59
N PRO B 93 -5.19 -17.98 -3.90
CA PRO B 93 -5.22 -19.45 -3.96
C PRO B 93 -5.64 -20.09 -2.65
N ARG B 94 -6.26 -21.26 -2.79
CA ARG B 94 -6.77 -22.03 -1.67
C ARG B 94 -5.73 -22.20 -0.57
N ALA B 95 -4.50 -22.52 -0.94
CA ALA B 95 -3.46 -22.82 0.05
C ALA B 95 -2.94 -21.62 0.82
N CYS B 96 -3.35 -20.42 0.41
CA CYS B 96 -3.00 -19.18 1.11
C CYS B 96 -4.10 -18.72 2.05
N GLN B 97 -5.31 -19.25 1.88
CA GLN B 97 -6.50 -18.73 2.59
C GLN B 97 -6.30 -18.71 4.11
N LYS B 98 -5.77 -19.79 4.67
CA LYS B 98 -5.63 -19.87 6.12
C LYS B 98 -4.49 -19.01 6.67
N SER B 99 -3.71 -18.39 5.80
CA SER B 99 -2.63 -17.51 6.22
C SER B 99 -3.04 -16.04 6.14
N LEU B 100 -4.28 -15.77 5.76
CA LEU B 100 -4.77 -14.40 5.70
C LEU B 100 -5.23 -13.92 7.07
N ARG B 101 -4.81 -12.71 7.44
CA ARG B 101 -5.05 -12.17 8.79
C ARG B 101 -5.44 -10.71 8.74
N PRO B 102 -6.13 -10.23 9.79
CA PRO B 102 -6.34 -8.79 9.86
C PRO B 102 -4.99 -8.07 9.91
N VAL B 103 -4.91 -6.88 9.33
CA VAL B 103 -3.64 -6.17 9.23
C VAL B 103 -3.34 -5.41 10.52
N PRO B 104 -2.17 -5.67 11.11
CA PRO B 104 -1.73 -4.99 12.34
C PRO B 104 -1.26 -3.57 12.04
N PRO B 105 -1.03 -2.74 13.08
CA PRO B 105 -0.59 -1.36 12.86
C PRO B 105 0.61 -1.17 11.94
N SER B 106 1.71 -1.89 12.18
CA SER B 106 2.93 -1.68 11.39
C SER B 106 3.48 -3.00 10.85
N PRO B 107 2.81 -3.57 9.84
CA PRO B 107 3.29 -4.84 9.29
C PRO B 107 4.62 -4.65 8.56
N LYS B 108 5.50 -5.65 8.67
CA LYS B 108 6.82 -5.60 8.05
C LYS B 108 7.11 -6.92 7.35
N ILE B 109 7.68 -6.85 6.15
CA ILE B 109 7.99 -8.03 5.37
C ILE B 109 8.92 -8.95 6.15
N ASP B 110 9.94 -8.39 6.77
CA ASP B 110 10.90 -9.19 7.53
C ASP B 110 10.37 -9.70 8.88
N ARG B 111 9.09 -9.44 9.15
CA ARG B 111 8.39 -10.03 10.28
C ARG B 111 7.32 -11.01 9.81
N GLY B 112 7.35 -11.30 8.51
CA GLY B 112 6.48 -12.35 7.97
C GLY B 112 5.23 -11.87 7.29
N TRP B 113 5.04 -10.55 7.21
CA TRP B 113 3.90 -9.99 6.50
C TRP B 113 4.26 -9.83 5.03
N VAL B 114 3.87 -10.82 4.25
CA VAL B 114 4.29 -10.97 2.86
C VAL B 114 3.73 -9.84 2.00
N CYS B 115 2.44 -9.58 2.14
CA CYS B 115 1.79 -8.54 1.36
C CYS B 115 0.48 -8.21 2.01
N VAL B 116 -0.11 -7.12 1.56
CA VAL B 116 -1.42 -6.71 2.02
C VAL B 116 -2.34 -6.73 0.79
N PHE B 117 -3.37 -7.57 0.84
CA PHE B 117 -4.37 -7.60 -0.21
C PHE B 117 -5.47 -6.59 0.10
N GLN B 118 -5.72 -5.69 -0.83
CA GLN B 118 -6.81 -4.74 -0.72
C GLN B 118 -7.94 -5.20 -1.62
N LEU B 119 -9.06 -5.54 -1.00
CA LEU B 119 -10.20 -6.08 -1.73
C LEU B 119 -11.08 -4.94 -2.25
N GLN B 120 -11.88 -5.23 -3.27
CA GLN B 120 -12.63 -4.18 -3.94
C GLN B 120 -13.66 -3.47 -3.05
N ASP B 121 -14.17 -4.16 -2.04
CA ASP B 121 -15.18 -3.54 -1.16
C ASP B 121 -14.56 -2.82 0.04
N GLY B 122 -13.24 -2.76 0.05
CA GLY B 122 -12.54 -2.03 1.09
C GLY B 122 -11.89 -2.91 2.14
N LYS B 123 -12.24 -4.20 2.14
CA LYS B 123 -11.63 -5.14 3.07
C LYS B 123 -10.13 -5.22 2.82
N THR B 124 -9.38 -5.49 3.87
CA THR B 124 -7.93 -5.53 3.79
C THR B 124 -7.45 -6.74 4.58
N LEU B 125 -6.60 -7.57 3.97
CA LEU B 125 -6.08 -8.75 4.64
C LEU B 125 -4.59 -8.87 4.39
N GLY B 126 -3.84 -9.18 5.44
CA GLY B 126 -2.41 -9.40 5.32
C GLY B 126 -2.13 -10.88 5.18
N LEU B 127 -1.16 -11.24 4.35
CA LEU B 127 -0.71 -12.62 4.28
C LEU B 127 0.46 -12.81 5.20
N LYS B 128 0.29 -13.67 6.20
CA LYS B 128 1.27 -13.88 7.24
C LYS B 128 1.91 -15.25 7.17
N ILE B 129 3.24 -15.25 7.22
CA ILE B 129 4.02 -16.47 7.44
C ILE B 129 4.64 -16.43 8.83
CAA 1D6 C . -5.93 10.20 -9.74
CBA 1D6 C . -6.71 8.95 -9.42
CAO 1D6 C . -7.53 8.93 -8.32
CAI 1D6 C . -6.62 7.82 -10.23
CAH 1D6 C . -7.36 6.68 -9.91
CAJ 1D6 C . -8.18 6.68 -8.79
CBD 1D6 C . -8.27 7.80 -8.01
CAW 1D6 C . -9.13 7.83 -6.78
OAC 1D6 C . -8.78 8.48 -5.80
CAZ 1D6 C . -10.44 7.08 -6.65
CAY 1D6 C . -11.34 6.69 -7.65
OAF 1D6 C . -11.20 6.80 -9.06
CAX 1D6 C . -12.45 6.18 -6.99
OAD 1D6 C . -13.59 5.70 -7.62
NBJ 1D6 C . -12.22 6.25 -5.67
CBF 1D6 C . -13.22 5.91 -4.65
CAM 1D6 C . -13.49 6.81 -3.61
CAK 1D6 C . -14.45 6.47 -2.64
CBB 1D6 C . -15.13 5.25 -2.73
CAS 1D6 C . -16.16 4.86 -1.73
CAV 1D6 C . -17.47 4.55 -2.33
OAE 1D6 C . -17.87 3.36 -2.35
OAB 1D6 C . -18.16 5.47 -2.83
CAL 1D6 C . -14.87 4.36 -3.77
CAN 1D6 C . -13.89 4.69 -4.73
CBI 1D6 C . -11.00 6.74 -5.42
CBE 1D6 C . -10.11 5.92 -4.53
CAQ 1D6 C . -9.81 4.65 -5.01
CBG 1D6 C . -8.99 3.82 -4.27
OAT 1D6 C . -8.52 2.54 -4.45
CAR 1D6 C . -7.75 2.23 -3.41
OAU 1D6 C . -7.70 3.25 -2.56
CBH 1D6 C . -8.46 4.28 -3.05
CBC 1D6 C . -8.74 5.54 -2.58
CLA 1D6 C . -8.06 6.04 -1.08
CAP 1D6 C . -9.59 6.38 -3.33
S SO4 D . -8.80 14.12 -8.46
O1 SO4 D . -9.45 15.11 -9.31
O2 SO4 D . -9.67 13.80 -7.34
O3 SO4 D . -8.58 12.90 -9.22
O4 SO4 D . -7.52 14.61 -7.96
S SO4 E . -2.24 -4.74 -8.59
O1 SO4 E . -3.45 -4.09 -9.06
O2 SO4 E . -2.05 -4.45 -7.18
O3 SO4 E . -2.33 -6.19 -8.80
O4 SO4 E . -1.11 -4.23 -9.36
S SO4 F . -7.49 29.23 9.02
O1 SO4 F . -6.13 29.54 8.61
O2 SO4 F . -8.23 30.47 9.18
O3 SO4 F . -8.18 28.44 8.00
O4 SO4 F . -7.45 28.51 10.29
C1 GOL G . -4.26 -1.01 1.80
O1 GOL G . -3.57 -0.87 3.02
C2 GOL G . -4.46 0.36 1.15
O2 GOL G . -3.20 0.98 0.95
C3 GOL G . -5.13 0.18 -0.20
O3 GOL G . -5.70 1.40 -0.63
CAA 1D6 H . -3.07 -13.79 -5.27
CBA 1D6 H . -2.63 -12.69 -6.19
CAO 1D6 H . -1.29 -12.46 -6.40
CAI 1D6 H . -3.57 -11.91 -6.86
CAH 1D6 H . -3.16 -10.91 -7.73
CAJ 1D6 H . -1.81 -10.66 -7.89
CBD 1D6 H . -0.87 -11.45 -7.25
CAW 1D6 H . 0.60 -11.21 -7.42
OAC 1D6 H . 1.38 -11.35 -6.48
CAZ 1D6 H . 1.23 -10.76 -8.73
CAY 1D6 H . 0.80 -10.99 -10.05
OAF 1D6 H . -0.44 -11.54 -10.49
CAX 1D6 H . 1.81 -10.56 -10.87
OAD 1D6 H . 1.82 -10.60 -12.26
NBJ 1D6 H . 2.81 -10.09 -10.09
CBF 1D6 H . 4.11 -9.68 -10.61
CAM 1D6 H . 4.17 -8.73 -11.64
CAK 1D6 H . 5.43 -8.33 -12.12
CBB 1D6 H . 6.59 -8.89 -11.57
CAS 1D6 H . 7.91 -8.46 -12.12
CAV 1D6 H . 8.01 -8.64 -13.57
OAE 1D6 H . 7.86 -7.67 -14.35
OAB 1D6 H . 8.24 -9.79 -14.03
CAL 1D6 H . 6.53 -9.83 -10.55
CAN 1D6 H . 5.27 -10.23 -10.06
CBI 1D6 H . 2.50 -10.15 -8.79
CBE 1D6 H . 2.61 -8.89 -7.99
CAQ 1D6 H . 1.81 -7.83 -8.42
CBG 1D6 H . 1.83 -6.64 -7.73
OAT 1D6 H . 1.19 -5.44 -7.91
CAR 1D6 H . 1.59 -4.62 -6.92
OAU 1D6 H . 2.48 -5.22 -6.13
CBH 1D6 H . 2.66 -6.50 -6.61
CBC 1D6 H . 3.44 -7.55 -6.16
CLA 1D6 H . 4.43 -7.32 -4.76
CAP 1D6 H . 3.43 -8.77 -6.87
S SO4 I . 0.37 -17.54 -6.01
O1 SO4 I . 1.33 -16.72 -6.73
O2 SO4 I . -0.95 -16.91 -6.14
O3 SO4 I . 0.34 -18.88 -6.56
O4 SO4 I . 0.71 -17.59 -4.60
C1 GOL J . 3.50 0.90 -2.94
O1 GOL J . 3.82 1.41 -1.67
C2 GOL J . 3.20 -0.59 -2.88
O2 GOL J . 2.37 -0.88 -1.78
C3 GOL J . 2.43 -1.01 -4.13
O3 GOL J . 2.46 -2.42 -4.26
C1 GOL K . 17.71 -23.16 9.50
O1 GOL K . 18.76 -23.18 10.44
C2 GOL K . 16.91 -24.46 9.57
O2 GOL K . 15.56 -24.14 9.84
C3 GOL K . 16.99 -25.22 8.24
O3 GOL K . 16.06 -24.70 7.30
P PO4 L . -7.15 0.85 -7.25
O1 PO4 L . -7.51 2.06 -8.10
O2 PO4 L . -8.33 0.52 -6.37
O3 PO4 L . -6.87 -0.33 -8.15
O4 PO4 L . -5.93 1.15 -6.41
#